data_8YPE
#
_entry.id   8YPE
#
_cell.length_a   82.254
_cell.length_b   82.254
_cell.length_c   123.149
_cell.angle_alpha   90.000
_cell.angle_beta   90.000
_cell.angle_gamma   120.000
#
_symmetry.space_group_name_H-M   'P 31 2 1'
#
loop_
_entity.id
_entity.type
_entity.pdbx_description
1 polymer 'Cyclic AMP-dependent transcription factor ATF-2'
2 polymer 'Mitogen-activated protein kinase 14'
3 water water
#
loop_
_entity_poly.entity_id
_entity_poly.type
_entity_poly.pdbx_seq_one_letter_code
_entity_poly.pdbx_strand_id
1 'polypeptide(L)' KHKHEMTLKFGPARNDSVIVADQTPTPTRFLKNCE B
2 'polypeptide(L)'
;VHMSQERPTFYRQELNKTIWEVPERYQNLSPVGSGAYGSVCAAFDTKTGHRVAVKKLSRPFQSIIHAKRTYRELRLLKHM
KHENVIGLLDVFTPARSLEEFNDVYLVTHLMGADLNNIVKCQKLTDDHVQFLIYQILRGLKYIHSADIIHRDLKPSNLAV
NEDCELKILDFGLARHTDDEMTGYVATRWYRAPEIMLNWMHYNQTVDIWSVGCIMAELLTGRTLFPGTDHIDQLKLILRL
VGTPGAELLKKISSESARNYIQSLAQMPKMNFANVFIGANPLAVDLLEKMLVLDSDKRITAAQALAHAYFAQYHDPDDEP
VADPYDQSFESRDLLIDEWKSLTYDEVISFVPPPLDQEEMES
;
A
#
# COMPACT_ATOMS: atom_id res chain seq x y z
N GLU A 5 2.56 -10.00 -19.95
CA GLU A 5 3.65 -9.10 -19.55
C GLU A 5 4.00 -8.10 -20.65
N MET A 6 3.57 -8.41 -21.88
CA MET A 6 4.07 -7.74 -23.08
C MET A 6 3.82 -6.23 -23.04
N THR A 7 2.55 -5.82 -23.08
CA THR A 7 2.19 -4.41 -23.24
C THR A 7 0.74 -4.24 -22.84
N LEU A 8 0.41 -3.06 -22.29
CA LEU A 8 -0.95 -2.71 -21.90
C LEU A 8 -1.33 -1.38 -22.54
N LYS A 9 -2.63 -1.21 -22.81
CA LYS A 9 -3.17 0.06 -23.29
C LYS A 9 -3.47 0.96 -22.10
N PHE A 10 -3.31 2.26 -22.30
CA PHE A 10 -3.75 3.22 -21.28
C PHE A 10 -5.17 3.64 -21.56
N GLY A 11 -6.01 3.64 -20.53
CA GLY A 11 -7.39 4.08 -20.66
C GLY A 11 -7.54 5.59 -20.78
N VAL B 1 24.13 24.09 7.54
CA VAL B 1 24.26 22.67 7.89
C VAL B 1 25.45 22.02 7.15
N HIS B 2 26.36 21.48 7.95
CA HIS B 2 27.60 20.86 7.50
C HIS B 2 27.34 19.84 6.39
N MET B 3 27.87 20.12 5.20
CA MET B 3 27.90 19.21 4.05
C MET B 3 26.49 18.84 3.56
N SER B 4 25.56 19.78 3.66
CA SER B 4 24.21 19.60 3.16
C SER B 4 24.14 19.97 1.68
N GLN B 5 23.04 19.57 1.05
CA GLN B 5 22.80 19.94 -0.35
C GLN B 5 22.65 21.45 -0.49
N GLU B 6 23.02 21.96 -1.66
CA GLU B 6 22.77 23.36 -1.98
C GLU B 6 21.26 23.59 -2.06
N ARG B 7 20.82 24.76 -1.59
CA ARG B 7 19.40 25.06 -1.66
C ARG B 7 19.04 25.45 -3.08
N PRO B 8 18.08 24.79 -3.70
CA PRO B 8 17.63 25.22 -5.03
C PRO B 8 16.86 26.53 -4.95
N THR B 9 16.65 27.14 -6.11
CA THR B 9 15.75 28.28 -6.23
C THR B 9 14.31 27.81 -6.22
N PHE B 10 13.50 28.42 -5.36
CA PHE B 10 12.09 28.12 -5.24
C PHE B 10 11.27 29.20 -5.96
N TYR B 11 10.07 28.83 -6.39
CA TYR B 11 9.12 29.79 -6.93
C TYR B 11 7.75 29.50 -6.35
N ARG B 12 6.94 30.55 -6.23
CA ARG B 12 5.65 30.51 -5.57
C ARG B 12 4.51 30.59 -6.58
N GLN B 13 3.46 29.81 -6.35
CA GLN B 13 2.25 29.92 -7.16
C GLN B 13 1.06 29.46 -6.31
N GLU B 14 -0.11 29.98 -6.63
CA GLU B 14 -1.33 29.58 -5.96
C GLU B 14 -2.10 28.63 -6.86
N LEU B 15 -2.43 27.45 -6.34
CA LEU B 15 -3.13 26.40 -7.08
C LEU B 15 -4.22 25.81 -6.20
N ASN B 16 -5.48 26.00 -6.62
CA ASN B 16 -6.67 25.62 -5.85
C ASN B 16 -6.64 26.22 -4.45
N LYS B 17 -6.44 27.55 -4.41
CA LYS B 17 -6.40 28.34 -3.18
C LYS B 17 -5.34 27.83 -2.19
N THR B 18 -4.26 27.27 -2.72
CA THR B 18 -3.16 26.75 -1.91
C THR B 18 -1.86 27.33 -2.46
N ILE B 19 -1.03 27.91 -1.60
CA ILE B 19 0.27 28.39 -2.03
C ILE B 19 1.24 27.22 -2.11
N TRP B 20 1.87 27.05 -3.27
CA TRP B 20 2.88 26.03 -3.48
C TRP B 20 4.21 26.74 -3.73
N GLU B 21 5.21 26.40 -2.93
CA GLU B 21 6.56 26.94 -3.10
C GLU B 21 7.47 25.74 -3.29
N VAL B 22 7.95 25.54 -4.52
CA VAL B 22 8.67 24.32 -4.89
C VAL B 22 9.93 24.74 -5.65
N PRO B 23 10.94 23.87 -5.70
CA PRO B 23 12.12 24.18 -6.53
C PRO B 23 11.77 24.30 -8.02
N GLU B 24 12.60 25.09 -8.72
CA GLU B 24 12.47 25.31 -10.17
C GLU B 24 12.44 24.01 -10.95
N ARG B 25 13.14 23.00 -10.45
CA ARG B 25 13.17 21.64 -10.95
C ARG B 25 11.79 21.11 -11.35
N TYR B 26 10.77 21.39 -10.53
CA TYR B 26 9.43 20.89 -10.78
C TYR B 26 8.64 21.94 -11.54
N GLN B 27 8.16 21.58 -12.74
CA GLN B 27 7.49 22.48 -13.66
C GLN B 27 6.13 21.95 -14.04
N ASN B 28 5.27 22.87 -14.49
CA ASN B 28 3.93 22.57 -15.02
C ASN B 28 3.09 21.81 -14.00
N LEU B 29 2.92 22.41 -12.84
CA LEU B 29 2.15 21.77 -11.78
C LEU B 29 0.67 21.85 -12.10
N SER B 30 -0.04 20.74 -11.90
CA SER B 30 -1.48 20.79 -12.10
C SER B 30 -2.16 19.89 -11.09
N PRO B 31 -3.21 20.36 -10.42
CA PRO B 31 -3.82 19.58 -9.32
C PRO B 31 -4.40 18.25 -9.76
N VAL B 32 -4.15 17.23 -8.94
CA VAL B 32 -4.71 15.92 -9.16
C VAL B 32 -5.77 15.55 -8.12
N GLY B 33 -5.59 15.93 -6.87
CA GLY B 33 -6.57 15.60 -5.86
C GLY B 33 -6.24 16.26 -4.54
N SER B 34 -7.12 16.00 -3.56
CA SER B 34 -6.95 16.48 -2.20
C SER B 34 -7.52 15.46 -1.24
N GLY B 35 -6.75 15.14 -0.20
CA GLY B 35 -7.22 14.37 0.93
C GLY B 35 -7.34 15.22 2.19
N ALA B 36 -7.59 14.53 3.30
CA ALA B 36 -7.61 15.22 4.59
C ALA B 36 -6.21 15.56 5.06
N TYR B 37 -5.18 14.88 4.57
CA TYR B 37 -3.82 15.07 5.05
C TYR B 37 -2.90 15.76 4.05
N GLY B 38 -3.38 16.05 2.83
CA GLY B 38 -2.57 16.77 1.88
C GLY B 38 -3.21 16.79 0.50
N SER B 39 -2.69 17.69 -0.34
CA SER B 39 -3.11 17.83 -1.73
C SER B 39 -1.96 17.53 -2.67
N VAL B 40 -2.31 17.07 -3.88
CA VAL B 40 -1.34 16.48 -4.80
C VAL B 40 -1.42 17.19 -6.13
N CYS B 41 -0.27 17.58 -6.67
CA CYS B 41 -0.15 18.07 -8.04
C CYS B 41 0.71 17.11 -8.84
N ALA B 42 0.33 16.86 -10.09
CA ALA B 42 1.26 16.28 -11.03
C ALA B 42 2.24 17.36 -11.48
N ALA B 43 3.47 16.96 -11.75
CA ALA B 43 4.48 17.93 -12.19
C ALA B 43 5.49 17.23 -13.07
N PHE B 44 6.21 18.02 -13.86
CA PHE B 44 7.32 17.51 -14.66
C PHE B 44 8.62 17.75 -13.90
N ASP B 45 9.31 16.66 -13.54
CA ASP B 45 10.61 16.75 -12.90
C ASP B 45 11.65 16.94 -13.99
N THR B 46 12.12 18.18 -14.14
CA THR B 46 13.13 18.49 -15.14
C THR B 46 14.49 17.88 -14.83
N LYS B 47 14.71 17.37 -13.61
CA LYS B 47 16.00 16.73 -13.33
C LYS B 47 16.03 15.29 -13.83
N THR B 48 14.94 14.54 -13.66
CA THR B 48 14.85 13.16 -14.11
C THR B 48 14.11 13.01 -15.44
N GLY B 49 13.44 14.05 -15.92
CA GLY B 49 12.65 13.90 -17.13
C GLY B 49 11.38 13.10 -16.97
N HIS B 50 10.95 12.83 -15.75
CA HIS B 50 9.74 12.06 -15.49
C HIS B 50 8.65 12.96 -14.93
N ARG B 51 7.39 12.57 -15.15
CA ARG B 51 6.30 13.19 -14.43
C ARG B 51 6.20 12.57 -13.06
N VAL B 52 5.87 13.41 -12.07
CA VAL B 52 5.94 13.02 -10.66
C VAL B 52 4.70 13.56 -9.97
N ALA B 53 4.40 12.98 -8.81
CA ALA B 53 3.38 13.53 -7.93
C ALA B 53 4.08 14.29 -6.83
N VAL B 54 3.63 15.52 -6.58
CA VAL B 54 4.15 16.37 -5.52
C VAL B 54 3.02 16.54 -4.52
N LYS B 55 3.20 16.02 -3.31
CA LYS B 55 2.18 16.13 -2.27
C LYS B 55 2.61 17.19 -1.26
N LYS B 56 1.77 18.21 -1.09
CA LYS B 56 1.96 19.18 -0.03
C LYS B 56 1.11 18.75 1.15
N LEU B 57 1.76 18.47 2.28
CA LEU B 57 0.99 18.01 3.43
C LEU B 57 0.14 19.16 3.98
N SER B 58 -1.09 18.84 4.37
CA SER B 58 -2.00 19.84 4.89
C SER B 58 -1.80 19.98 6.40
N ARG B 59 -1.31 21.16 6.83
CA ARG B 59 -1.00 21.58 8.20
C ARG B 59 -0.36 20.43 8.97
N PRO B 60 0.86 20.02 8.60
CA PRO B 60 1.40 18.75 9.10
C PRO B 60 1.66 18.74 10.60
N PHE B 61 1.79 19.90 11.23
CA PHE B 61 2.17 20.01 12.63
C PHE B 61 1.07 20.72 13.42
N GLN B 62 -0.18 20.50 13.00
CA GLN B 62 -1.34 21.14 13.61
C GLN B 62 -1.52 20.68 15.06
N SER B 63 -1.33 19.38 15.31
CA SER B 63 -1.47 18.78 16.63
C SER B 63 -0.35 17.78 16.83
N ILE B 64 -0.34 17.14 18.02
CA ILE B 64 0.58 16.03 18.28
C ILE B 64 0.30 14.88 17.33
N ILE B 65 -0.99 14.56 17.14
CA ILE B 65 -1.36 13.43 16.28
C ILE B 65 -0.91 13.66 14.84
N HIS B 66 -1.12 14.87 14.33
CA HIS B 66 -0.73 15.17 12.95
C HIS B 66 0.79 15.21 12.80
N ALA B 67 1.49 15.81 13.75
CA ALA B 67 2.95 15.89 13.70
C ALA B 67 3.57 14.50 13.72
N LYS B 68 3.09 13.62 14.60
CA LYS B 68 3.60 12.26 14.64
C LYS B 68 3.28 11.50 13.36
N ARG B 69 2.08 11.73 12.81
CA ARG B 69 1.70 11.10 11.54
C ARG B 69 2.60 11.55 10.41
N THR B 70 2.98 12.83 10.40
CA THR B 70 3.90 13.36 9.40
C THR B 70 5.26 12.68 9.50
N TYR B 71 5.79 12.58 10.72
CA TYR B 71 7.07 11.91 10.95
C TYR B 71 7.01 10.45 10.53
N ARG B 72 5.92 9.75 10.91
CA ARG B 72 5.73 8.35 10.54
C ARG B 72 5.74 8.15 9.03
N GLU B 73 5.05 9.02 8.29
CA GLU B 73 5.00 8.87 6.84
C GLU B 73 6.36 9.11 6.22
N LEU B 74 7.08 10.14 6.68
CA LEU B 74 8.39 10.43 6.12
C LEU B 74 9.40 9.33 6.45
N ARG B 75 9.39 8.82 7.68
CA ARG B 75 10.26 7.70 8.04
C ARG B 75 9.96 6.48 7.17
N LEU B 76 8.66 6.18 6.99
CA LEU B 76 8.27 5.05 6.13
C LEU B 76 8.76 5.24 4.69
N LEU B 77 8.46 6.39 4.08
CA LEU B 77 8.80 6.62 2.69
C LEU B 77 10.32 6.64 2.46
N LYS B 78 11.08 7.15 3.43
CA LYS B 78 12.53 7.17 3.31
C LYS B 78 13.12 5.76 3.38
N HIS B 79 12.43 4.83 4.01
CA HIS B 79 13.00 3.50 4.18
C HIS B 79 12.88 2.63 2.94
N MET B 80 11.79 2.78 2.19
CA MET B 80 11.39 1.76 1.22
C MET B 80 12.10 1.99 -0.11
N LYS B 81 12.95 1.04 -0.50
CA LYS B 81 13.79 1.13 -1.68
C LYS B 81 13.68 -0.18 -2.43
N HIS B 82 12.64 -0.28 -3.26
CA HIS B 82 12.27 -1.54 -3.90
C HIS B 82 11.52 -1.20 -5.19
N GLU B 83 11.78 -1.99 -6.22
CA GLU B 83 11.23 -1.74 -7.55
C GLU B 83 9.70 -1.81 -7.58
N ASN B 84 9.08 -2.57 -6.69
CA ASN B 84 7.63 -2.75 -6.71
C ASN B 84 6.94 -1.97 -5.60
N VAL B 85 7.62 -0.98 -5.00
CA VAL B 85 7.10 -0.22 -3.87
C VAL B 85 7.38 1.25 -4.15
N ILE B 86 6.41 2.11 -3.79
CA ILE B 86 6.58 3.56 -3.83
C ILE B 86 7.86 3.95 -3.11
N GLY B 87 8.65 4.80 -3.74
CA GLY B 87 9.85 5.33 -3.12
C GLY B 87 9.81 6.84 -3.04
N LEU B 88 10.60 7.43 -2.14
CA LEU B 88 10.61 8.88 -1.99
C LEU B 88 11.63 9.42 -2.99
N LEU B 89 11.15 10.11 -4.03
CA LEU B 89 12.07 10.71 -4.98
C LEU B 89 12.72 11.97 -4.42
N ASP B 90 11.99 12.70 -3.59
CA ASP B 90 12.46 13.97 -3.05
C ASP B 90 11.54 14.33 -1.91
N VAL B 91 12.09 15.01 -0.92
CA VAL B 91 11.32 15.69 0.10
C VAL B 91 11.98 17.05 0.30
N PHE B 92 11.18 18.12 0.38
CA PHE B 92 11.74 19.45 0.54
C PHE B 92 10.80 20.31 1.34
N THR B 93 11.36 21.40 1.86
CA THR B 93 10.65 22.51 2.46
C THR B 93 11.28 23.80 1.96
N PRO B 94 10.48 24.85 1.78
CA PRO B 94 11.09 26.16 1.47
C PRO B 94 11.84 26.79 2.64
N ALA B 95 11.63 26.28 3.85
CA ALA B 95 12.23 26.82 5.07
C ALA B 95 13.74 26.69 5.06
N ARG B 96 14.41 27.76 5.50
CA ARG B 96 15.85 27.71 5.66
C ARG B 96 16.26 27.33 7.08
N SER B 97 15.32 27.22 8.01
CA SER B 97 15.64 26.87 9.39
C SER B 97 14.44 26.17 10.02
N LEU B 98 14.68 25.54 11.17
CA LEU B 98 13.61 24.89 11.92
C LEU B 98 12.56 25.90 12.39
N GLU B 99 12.98 27.13 12.71
CA GLU B 99 12.04 28.13 13.20
C GLU B 99 11.00 28.52 12.15
N GLU B 100 11.37 28.53 10.87
CA GLU B 100 10.38 28.82 9.84
C GLU B 100 9.84 27.55 9.16
N PHE B 101 10.18 26.37 9.66
CA PHE B 101 9.69 25.11 9.11
C PHE B 101 8.21 24.96 9.38
N ASN B 102 7.41 24.98 8.31
CA ASN B 102 5.97 24.86 8.47
C ASN B 102 5.39 23.87 7.47
N ASP B 103 6.02 23.74 6.31
CA ASP B 103 5.45 23.01 5.20
C ASP B 103 6.38 21.89 4.77
N VAL B 104 5.79 20.76 4.39
CA VAL B 104 6.50 19.56 3.97
C VAL B 104 5.92 19.13 2.63
N TYR B 105 6.80 18.89 1.65
CA TYR B 105 6.42 18.41 0.33
C TYR B 105 7.11 17.09 0.05
N LEU B 106 6.34 16.11 -0.42
CA LEU B 106 6.85 14.77 -0.73
C LEU B 106 6.70 14.51 -2.21
N VAL B 107 7.76 14.04 -2.85
CA VAL B 107 7.77 13.78 -4.29
C VAL B 107 7.90 12.28 -4.51
N THR B 108 6.95 11.70 -5.26
CA THR B 108 6.92 10.25 -5.45
C THR B 108 6.53 9.93 -6.89
N HIS B 109 6.44 8.62 -7.14
CA HIS B 109 5.93 8.08 -8.39
C HIS B 109 4.53 8.61 -8.70
N LEU B 110 4.34 9.12 -9.91
CA LEU B 110 3.02 9.61 -10.30
C LEU B 110 2.12 8.43 -10.65
N MET B 111 0.99 8.32 -9.95
CA MET B 111 -0.03 7.33 -10.29
C MET B 111 -0.66 7.72 -11.64
N GLY B 112 -0.30 7.00 -12.69
CA GLY B 112 -1.08 7.08 -13.91
C GLY B 112 -2.27 6.15 -13.82
N ALA B 113 -2.13 4.96 -14.40
CA ALA B 113 -3.20 3.97 -14.34
C ALA B 113 -3.02 3.10 -13.11
N ASP B 114 -4.11 2.88 -12.37
CA ASP B 114 -4.14 1.87 -11.32
C ASP B 114 -4.70 0.57 -11.89
N LEU B 115 -4.84 -0.45 -11.03
CA LEU B 115 -5.27 -1.76 -11.49
C LEU B 115 -6.73 -1.75 -11.99
N ASN B 116 -7.61 -1.00 -11.32
CA ASN B 116 -8.99 -0.82 -11.82
C ASN B 116 -9.01 -0.19 -13.21
N ASN B 117 -8.13 0.79 -13.44
CA ASN B 117 -8.12 1.47 -14.71
C ASN B 117 -7.66 0.57 -15.84
N ILE B 118 -6.69 -0.33 -15.58
CA ILE B 118 -6.19 -1.10 -16.71
C ILE B 118 -7.22 -2.13 -17.19
N VAL B 119 -8.11 -2.59 -16.31
CA VAL B 119 -9.12 -3.55 -16.78
C VAL B 119 -10.27 -2.90 -17.52
N LYS B 120 -10.41 -1.57 -17.43
CA LYS B 120 -11.51 -0.91 -18.14
C LYS B 120 -11.31 -0.86 -19.65
N CYS B 121 -10.09 -1.00 -20.16
CA CYS B 121 -9.92 -0.92 -21.61
C CYS B 121 -9.21 -2.14 -22.20
N GLN B 122 -9.03 -3.22 -21.43
CA GLN B 122 -8.54 -4.47 -22.01
C GLN B 122 -8.88 -5.64 -21.10
N LYS B 123 -8.78 -6.83 -21.66
CA LYS B 123 -8.93 -8.07 -20.92
C LYS B 123 -7.55 -8.62 -20.64
N LEU B 124 -7.20 -8.76 -19.36
CA LEU B 124 -5.89 -9.28 -18.98
C LEU B 124 -5.78 -10.76 -19.32
N THR B 125 -4.64 -11.16 -19.89
CA THR B 125 -4.32 -12.57 -20.10
C THR B 125 -3.89 -13.20 -18.78
N ASP B 126 -3.81 -14.54 -18.75
CA ASP B 126 -3.31 -15.19 -17.55
C ASP B 126 -1.83 -14.86 -17.32
N ASP B 127 -1.07 -14.59 -18.40
CA ASP B 127 0.29 -14.11 -18.25
C ASP B 127 0.33 -12.76 -17.54
N HIS B 128 -0.57 -11.85 -17.93
CA HIS B 128 -0.68 -10.54 -17.27
C HIS B 128 -0.96 -10.70 -15.79
N VAL B 129 -1.91 -11.58 -15.46
CA VAL B 129 -2.30 -11.76 -14.06
C VAL B 129 -1.14 -12.37 -13.28
N GLN B 130 -0.47 -13.39 -13.84
CA GLN B 130 0.72 -13.96 -13.20
C GLN B 130 1.74 -12.89 -12.87
N PHE B 131 2.03 -12.02 -13.83
CA PHE B 131 3.09 -11.04 -13.63
C PHE B 131 2.66 -9.96 -12.64
N LEU B 132 1.41 -9.51 -12.72
CA LEU B 132 0.92 -8.51 -11.78
C LEU B 132 0.92 -9.03 -10.35
N ILE B 133 0.41 -10.24 -10.14
CA ILE B 133 0.36 -10.77 -8.78
C ILE B 133 1.78 -11.06 -8.28
N TYR B 134 2.65 -11.55 -9.16
CA TYR B 134 4.05 -11.80 -8.78
C TYR B 134 4.71 -10.53 -8.24
N GLN B 135 4.50 -9.41 -8.93
CA GLN B 135 5.09 -8.15 -8.49
C GLN B 135 4.51 -7.69 -7.17
N ILE B 136 3.19 -7.85 -6.97
CA ILE B 136 2.62 -7.47 -5.68
C ILE B 136 3.27 -8.27 -4.55
N LEU B 137 3.42 -9.59 -4.76
CA LEU B 137 4.01 -10.43 -3.71
C LEU B 137 5.49 -10.14 -3.52
N ARG B 138 6.19 -9.73 -4.58
CA ARG B 138 7.60 -9.40 -4.46
C ARG B 138 7.79 -8.13 -3.64
N GLY B 139 7.00 -7.08 -3.96
CA GLY B 139 6.95 -5.91 -3.10
C GLY B 139 6.53 -6.24 -1.67
N LEU B 140 5.57 -7.15 -1.50
CA LEU B 140 5.12 -7.46 -0.14
C LEU B 140 6.18 -8.22 0.65
N LYS B 141 6.90 -9.15 0.01
CA LYS B 141 8.01 -9.82 0.70
C LYS B 141 9.01 -8.82 1.25
N TYR B 142 9.33 -7.79 0.46
CA TYR B 142 10.21 -6.70 0.91
C TYR B 142 9.62 -5.95 2.10
N ILE B 143 8.40 -5.42 1.98
CA ILE B 143 7.90 -4.62 3.10
C ILE B 143 7.65 -5.49 4.34
N HIS B 144 7.21 -6.73 4.17
CA HIS B 144 6.97 -7.58 5.33
C HIS B 144 8.27 -7.95 6.04
N SER B 145 9.38 -8.06 5.29
CA SER B 145 10.66 -8.38 5.91
C SER B 145 11.16 -7.26 6.82
N ALA B 146 10.64 -6.04 6.67
CA ALA B 146 10.94 -4.93 7.55
C ALA B 146 9.88 -4.74 8.62
N ASP B 147 8.94 -5.67 8.77
CA ASP B 147 7.83 -5.59 9.71
C ASP B 147 6.94 -4.38 9.45
N ILE B 148 6.77 -4.05 8.17
CA ILE B 148 5.82 -3.05 7.72
C ILE B 148 4.58 -3.78 7.20
N ILE B 149 3.40 -3.30 7.56
CA ILE B 149 2.15 -3.85 7.04
C ILE B 149 1.50 -2.76 6.21
N HIS B 150 1.08 -3.09 4.99
CA HIS B 150 0.46 -2.07 4.16
C HIS B 150 -0.88 -1.66 4.75
N ARG B 151 -1.70 -2.65 5.14
CA ARG B 151 -3.01 -2.58 5.77
C ARG B 151 -4.15 -2.21 4.84
N ASP B 152 -3.88 -1.63 3.67
CA ASP B 152 -4.98 -1.16 2.83
C ASP B 152 -4.73 -1.44 1.35
N LEU B 153 -4.30 -2.68 1.05
CA LEU B 153 -4.13 -3.09 -0.35
C LEU B 153 -5.47 -3.23 -1.03
N LYS B 154 -5.59 -2.60 -2.19
CA LYS B 154 -6.77 -2.67 -3.04
C LYS B 154 -6.34 -2.23 -4.41
N PRO B 155 -7.11 -2.53 -5.47
CA PRO B 155 -6.62 -2.20 -6.83
C PRO B 155 -6.33 -0.73 -7.04
N SER B 156 -7.03 0.18 -6.36
CA SER B 156 -6.75 1.60 -6.52
C SER B 156 -5.43 2.03 -5.88
N ASN B 157 -4.78 1.16 -5.10
CA ASN B 157 -3.47 1.45 -4.53
C ASN B 157 -2.32 0.78 -5.27
N LEU B 158 -2.57 0.25 -6.46
CA LEU B 158 -1.55 -0.45 -7.22
C LEU B 158 -1.41 0.27 -8.54
N ALA B 159 -0.27 0.91 -8.76
CA ALA B 159 0.00 1.62 -10.00
C ALA B 159 0.62 0.66 -10.99
N VAL B 160 0.19 0.74 -12.25
CA VAL B 160 0.63 -0.16 -13.32
C VAL B 160 0.94 0.69 -14.55
N ASN B 161 2.12 0.47 -15.15
CA ASN B 161 2.47 1.22 -16.36
C ASN B 161 2.21 0.39 -17.62
N GLU B 162 2.64 0.91 -18.77
CA GLU B 162 2.36 0.29 -20.06
C GLU B 162 3.16 -0.98 -20.27
N ASP B 163 4.21 -1.19 -19.48
CA ASP B 163 4.96 -2.43 -19.53
C ASP B 163 4.42 -3.47 -18.56
N CYS B 164 3.25 -3.23 -17.95
CA CYS B 164 2.64 -4.08 -16.94
C CYS B 164 3.49 -4.16 -15.66
N GLU B 165 4.36 -3.17 -15.44
CA GLU B 165 5.16 -3.08 -14.22
C GLU B 165 4.35 -2.42 -13.12
N LEU B 166 4.50 -2.90 -11.90
CA LEU B 166 3.60 -2.52 -10.83
C LEU B 166 4.35 -1.96 -9.64
N LYS B 167 3.72 -1.01 -8.96
CA LYS B 167 4.21 -0.48 -7.69
C LYS B 167 3.09 -0.40 -6.69
N ILE B 168 3.39 -0.78 -5.46
CA ILE B 168 2.48 -0.61 -4.34
C ILE B 168 2.58 0.81 -3.81
N LEU B 169 1.44 1.50 -3.73
CA LEU B 169 1.34 2.90 -3.33
C LEU B 169 0.48 3.04 -2.07
N ASP B 170 0.45 4.26 -1.53
CA ASP B 170 -0.55 4.73 -0.56
C ASP B 170 -0.64 3.82 0.67
N PHE B 171 0.46 3.72 1.41
CA PHE B 171 0.50 2.88 2.60
C PHE B 171 -0.44 3.41 3.67
N GLY B 172 -1.02 2.47 4.43
CA GLY B 172 -1.90 2.84 5.53
C GLY B 172 -1.10 3.43 6.67
N LEU B 173 -1.36 4.70 7.00
CA LEU B 173 -0.61 5.40 8.04
C LEU B 173 -1.31 5.42 9.40
N ALA B 174 -2.46 4.73 9.51
CA ALA B 174 -3.08 4.34 10.79
C ALA B 174 -3.32 5.47 11.79
N ALA B 186 -14.68 4.18 2.81
CA ALA B 186 -13.77 3.47 1.89
C ALA B 186 -14.21 2.03 1.72
N THR B 187 -13.71 1.36 0.69
CA THR B 187 -14.15 0.00 0.41
C THR B 187 -13.53 -0.98 1.40
N ARG B 188 -14.34 -1.95 1.84
CA ARG B 188 -13.94 -3.03 2.73
C ARG B 188 -13.79 -4.34 2.00
N TRP B 189 -14.03 -4.35 0.69
CA TRP B 189 -14.07 -5.56 -0.12
C TRP B 189 -12.78 -6.35 -0.09
N TYR B 190 -11.65 -5.74 0.28
CA TYR B 190 -10.35 -6.36 0.19
C TYR B 190 -9.75 -6.56 1.58
N ARG B 191 -10.51 -6.27 2.63
CA ARG B 191 -10.00 -6.25 3.99
C ARG B 191 -10.20 -7.61 4.64
N ALA B 192 -9.18 -8.07 5.35
CA ALA B 192 -9.26 -9.37 6.00
C ALA B 192 -10.33 -9.34 7.10
N PRO B 193 -11.06 -10.44 7.31
CA PRO B 193 -12.17 -10.40 8.28
C PRO B 193 -11.76 -10.11 9.70
N GLU B 194 -10.54 -10.53 10.10
CA GLU B 194 -10.12 -10.33 11.49
C GLU B 194 -9.82 -8.87 11.81
N ILE B 195 -9.59 -8.02 10.81
CA ILE B 195 -9.41 -6.60 11.09
C ILE B 195 -10.66 -5.78 10.75
N MET B 196 -11.51 -6.27 9.86
CA MET B 196 -12.77 -5.59 9.58
C MET B 196 -13.66 -5.53 10.81
N LEU B 197 -13.63 -6.56 11.67
CA LEU B 197 -14.43 -6.60 12.88
C LEU B 197 -13.58 -6.49 14.14
N ASN B 198 -12.30 -6.17 14.00
CA ASN B 198 -11.38 -5.99 15.12
C ASN B 198 -11.30 -7.25 15.98
N TRP B 199 -11.24 -8.42 15.34
CA TRP B 199 -11.17 -9.68 16.09
C TRP B 199 -9.86 -9.81 16.83
N MET B 200 -8.78 -9.31 16.26
CA MET B 200 -7.44 -9.47 16.83
C MET B 200 -6.52 -8.45 16.19
N HIS B 201 -5.25 -8.52 16.56
CA HIS B 201 -4.28 -7.50 16.17
C HIS B 201 -3.90 -7.62 14.70
N TYR B 202 -3.55 -6.48 14.11
CA TYR B 202 -3.00 -6.42 12.76
C TYR B 202 -1.78 -7.31 12.64
N ASN B 203 -1.79 -8.16 11.63
CA ASN B 203 -0.65 -8.99 11.29
C ASN B 203 -0.36 -8.79 9.80
N GLN B 204 0.87 -9.06 9.39
CA GLN B 204 1.22 -8.87 7.98
C GLN B 204 0.43 -9.80 7.06
N THR B 205 -0.11 -10.90 7.60
CA THR B 205 -1.01 -11.80 6.89
C THR B 205 -2.27 -11.12 6.37
N VAL B 206 -2.62 -9.94 6.88
CA VAL B 206 -3.82 -9.29 6.35
C VAL B 206 -3.58 -8.81 4.94
N ASP B 207 -2.33 -8.46 4.58
CA ASP B 207 -2.02 -8.06 3.21
C ASP B 207 -2.17 -9.23 2.24
N ILE B 208 -1.91 -10.46 2.68
CA ILE B 208 -2.04 -11.63 1.81
C ILE B 208 -3.51 -11.89 1.46
N TRP B 209 -4.40 -11.73 2.44
CA TRP B 209 -5.84 -11.79 2.17
C TRP B 209 -6.24 -10.84 1.07
N SER B 210 -5.76 -9.58 1.15
CA SER B 210 -6.10 -8.59 0.12
C SER B 210 -5.59 -9.01 -1.25
N VAL B 211 -4.39 -9.59 -1.33
CA VAL B 211 -3.88 -10.08 -2.60
C VAL B 211 -4.78 -11.17 -3.16
N GLY B 212 -5.28 -12.06 -2.29
CA GLY B 212 -6.19 -13.11 -2.75
C GLY B 212 -7.45 -12.52 -3.36
N CYS B 213 -8.03 -11.51 -2.70
CA CYS B 213 -9.23 -10.84 -3.21
C CYS B 213 -8.96 -10.17 -4.54
N ILE B 214 -7.79 -9.55 -4.67
CA ILE B 214 -7.41 -8.85 -5.90
C ILE B 214 -7.23 -9.84 -7.04
N MET B 215 -6.51 -10.94 -6.77
CA MET B 215 -6.24 -11.94 -7.79
C MET B 215 -7.52 -12.61 -8.29
N ALA B 216 -8.43 -12.96 -7.40
CA ALA B 216 -9.72 -13.52 -7.81
C ALA B 216 -10.45 -12.57 -8.76
N GLU B 217 -10.44 -11.28 -8.44
CA GLU B 217 -11.11 -10.28 -9.27
C GLU B 217 -10.43 -10.13 -10.64
N LEU B 218 -9.09 -10.19 -10.68
CA LEU B 218 -8.38 -10.14 -11.96
C LEU B 218 -8.69 -11.37 -12.83
N LEU B 219 -8.88 -12.53 -12.22
CA LEU B 219 -9.14 -13.76 -12.98
C LEU B 219 -10.56 -13.83 -13.50
N THR B 220 -11.53 -13.37 -12.73
CA THR B 220 -12.94 -13.56 -13.09
C THR B 220 -13.59 -12.32 -13.68
N GLY B 221 -13.08 -11.13 -13.36
CA GLY B 221 -13.74 -9.89 -13.69
C GLY B 221 -14.82 -9.47 -12.72
N ARG B 222 -15.03 -10.22 -11.64
CA ARG B 222 -16.02 -9.91 -10.63
C ARG B 222 -15.33 -9.69 -9.30
N THR B 223 -15.76 -8.67 -8.55
CA THR B 223 -15.34 -8.53 -7.16
C THR B 223 -15.72 -9.78 -6.38
N LEU B 224 -14.81 -10.24 -5.52
CA LEU B 224 -15.02 -11.53 -4.86
C LEU B 224 -16.01 -11.41 -3.71
N PHE B 225 -15.84 -10.41 -2.84
CA PHE B 225 -16.71 -10.21 -1.67
C PHE B 225 -17.28 -8.79 -1.67
N PRO B 226 -18.22 -8.47 -2.58
CA PRO B 226 -18.71 -7.07 -2.62
C PRO B 226 -19.87 -6.79 -1.66
N GLY B 227 -19.58 -6.86 -0.35
CA GLY B 227 -20.62 -6.65 0.65
C GLY B 227 -20.95 -5.16 0.85
N THR B 228 -22.09 -4.91 1.49
CA THR B 228 -22.54 -3.53 1.67
C THR B 228 -22.31 -3.00 3.08
N ASP B 229 -22.33 -3.84 4.11
CA ASP B 229 -21.85 -3.45 5.43
C ASP B 229 -20.99 -4.56 5.98
N HIS B 230 -20.54 -4.39 7.22
CA HIS B 230 -19.60 -5.32 7.81
C HIS B 230 -20.19 -6.72 7.97
N ILE B 231 -21.48 -6.80 8.29
CA ILE B 231 -22.13 -8.08 8.50
C ILE B 231 -22.37 -8.80 7.17
N ASP B 232 -22.92 -8.07 6.18
CA ASP B 232 -23.10 -8.61 4.84
C ASP B 232 -21.78 -9.14 4.27
N GLN B 233 -20.70 -8.40 4.52
CA GLN B 233 -19.37 -8.78 4.04
C GLN B 233 -18.86 -10.03 4.74
N LEU B 234 -19.00 -10.08 6.06
CA LEU B 234 -18.57 -11.25 6.81
C LEU B 234 -19.32 -12.50 6.36
N LYS B 235 -20.62 -12.38 6.09
CA LYS B 235 -21.39 -13.55 5.66
C LYS B 235 -20.96 -14.04 4.28
N LEU B 236 -20.62 -13.12 3.37
CA LEU B 236 -20.09 -13.54 2.07
C LEU B 236 -18.75 -14.24 2.22
N ILE B 237 -17.88 -13.73 3.09
CA ILE B 237 -16.59 -14.35 3.32
C ILE B 237 -16.77 -15.74 3.91
N LEU B 238 -17.61 -15.86 4.95
CA LEU B 238 -17.74 -17.13 5.65
C LEU B 238 -18.40 -18.18 4.77
N ARG B 239 -19.20 -17.74 3.79
CA ARG B 239 -19.83 -18.65 2.86
C ARG B 239 -18.80 -19.35 1.98
N LEU B 240 -17.71 -18.67 1.64
CA LEU B 240 -16.68 -19.28 0.81
C LEU B 240 -15.67 -20.07 1.63
N VAL B 241 -15.21 -19.52 2.75
CA VAL B 241 -14.07 -20.10 3.47
C VAL B 241 -14.48 -20.89 4.70
N GLY B 242 -15.76 -20.89 5.07
CA GLY B 242 -16.23 -21.61 6.23
C GLY B 242 -16.24 -20.77 7.50
N THR B 243 -17.04 -21.21 8.47
CA THR B 243 -17.09 -20.54 9.75
C THR B 243 -15.83 -20.86 10.55
N PRO B 244 -15.45 -20.01 11.50
CA PRO B 244 -14.25 -20.27 12.29
C PRO B 244 -14.36 -21.55 13.12
N GLY B 245 -13.32 -22.37 13.04
CA GLY B 245 -13.22 -23.55 13.89
C GLY B 245 -12.75 -23.17 15.28
N ALA B 246 -12.68 -24.19 16.14
CA ALA B 246 -12.40 -23.94 17.55
C ALA B 246 -11.00 -23.37 17.76
N GLU B 247 -10.04 -23.71 16.90
CA GLU B 247 -8.69 -23.20 17.05
C GLU B 247 -8.65 -21.69 16.81
N LEU B 248 -9.40 -21.20 15.82
CA LEU B 248 -9.39 -19.77 15.50
C LEU B 248 -10.15 -18.97 16.54
N LEU B 249 -11.28 -19.52 17.03
CA LEU B 249 -12.09 -18.86 18.07
C LEU B 249 -11.30 -18.58 19.33
N LYS B 250 -10.34 -19.44 19.69
CA LYS B 250 -9.46 -19.20 20.84
C LYS B 250 -8.65 -17.92 20.66
N LYS B 251 -8.28 -17.58 19.43
CA LYS B 251 -7.42 -16.43 19.19
C LYS B 251 -8.18 -15.11 19.16
N ILE B 252 -9.50 -15.13 19.08
CA ILE B 252 -10.29 -13.91 19.02
C ILE B 252 -10.49 -13.37 20.43
N SER B 253 -10.09 -12.11 20.65
CA SER B 253 -9.95 -11.56 21.99
C SER B 253 -11.28 -11.11 22.58
N SER B 254 -12.12 -10.41 21.81
CA SER B 254 -13.38 -9.91 22.33
C SER B 254 -14.38 -11.05 22.53
N GLU B 255 -14.93 -11.16 23.75
CA GLU B 255 -15.93 -12.18 24.02
C GLU B 255 -17.19 -11.98 23.19
N SER B 256 -17.58 -10.71 22.98
CA SER B 256 -18.76 -10.41 22.18
C SER B 256 -18.58 -10.89 20.73
N ALA B 257 -17.40 -10.68 20.17
CA ALA B 257 -17.12 -11.19 18.83
C ALA B 257 -17.19 -12.71 18.80
N ARG B 258 -16.67 -13.38 19.84
CA ARG B 258 -16.76 -14.83 19.92
C ARG B 258 -18.21 -15.30 20.02
N ASN B 259 -19.00 -14.65 20.88
CA ASN B 259 -20.41 -15.01 21.00
C ASN B 259 -21.15 -14.77 19.70
N TYR B 260 -20.79 -13.71 18.96
CA TYR B 260 -21.46 -13.46 17.69
C TYR B 260 -21.12 -14.57 16.69
N ILE B 261 -19.85 -14.95 16.60
CA ILE B 261 -19.41 -15.99 15.67
C ILE B 261 -20.07 -17.32 16.01
N GLN B 262 -20.08 -17.67 17.30
CA GLN B 262 -20.75 -18.90 17.74
C GLN B 262 -22.26 -18.87 17.52
N SER B 263 -22.86 -17.69 17.32
CA SER B 263 -24.27 -17.61 17.00
C SER B 263 -24.56 -17.95 15.54
N LEU B 264 -23.54 -17.97 14.69
CA LEU B 264 -23.75 -18.24 13.27
C LEU B 264 -23.90 -19.73 13.04
N ALA B 265 -24.84 -20.07 12.14
CA ALA B 265 -24.94 -21.43 11.62
C ALA B 265 -23.63 -21.84 10.99
N GLN B 266 -23.13 -23.02 11.36
CA GLN B 266 -21.82 -23.45 10.89
C GLN B 266 -21.87 -23.79 9.41
N MET B 267 -20.81 -23.42 8.70
CA MET B 267 -20.73 -23.60 7.26
C MET B 267 -19.39 -24.21 6.92
N PRO B 268 -19.35 -25.17 6.00
CA PRO B 268 -18.07 -25.73 5.60
C PRO B 268 -17.36 -24.81 4.62
N LYS B 269 -16.02 -24.91 4.61
CA LYS B 269 -15.24 -24.37 3.51
C LYS B 269 -15.77 -24.91 2.18
N MET B 270 -15.83 -24.06 1.17
CA MET B 270 -16.22 -24.50 -0.16
C MET B 270 -15.00 -25.01 -0.92
N ASN B 271 -15.27 -25.84 -1.92
CA ASN B 271 -14.27 -26.32 -2.87
C ASN B 271 -14.06 -25.20 -3.87
N PHE B 272 -12.86 -24.61 -3.90
CA PHE B 272 -12.63 -23.43 -4.75
C PHE B 272 -12.68 -23.80 -6.23
N ALA B 273 -12.30 -25.03 -6.58
CA ALA B 273 -12.26 -25.42 -7.98
C ALA B 273 -13.65 -25.38 -8.61
N ASN B 274 -14.70 -25.65 -7.83
CA ASN B 274 -16.06 -25.49 -8.34
C ASN B 274 -16.37 -24.02 -8.62
N VAL B 275 -15.89 -23.13 -7.74
CA VAL B 275 -16.15 -21.69 -7.80
C VAL B 275 -15.39 -21.00 -8.95
N PHE B 276 -14.33 -21.61 -9.47
CA PHE B 276 -13.43 -20.98 -10.43
C PHE B 276 -13.12 -21.89 -11.62
N ILE B 277 -14.14 -22.50 -12.23
CA ILE B 277 -13.92 -23.39 -13.38
C ILE B 277 -13.40 -22.59 -14.56
N GLY B 278 -12.36 -23.09 -15.23
CA GLY B 278 -11.74 -22.44 -16.35
C GLY B 278 -10.50 -21.64 -15.99
N ALA B 279 -10.31 -21.32 -14.72
CA ALA B 279 -9.09 -20.67 -14.26
C ALA B 279 -7.98 -21.70 -14.12
N ASN B 280 -6.73 -21.27 -14.40
CA ASN B 280 -5.48 -22.01 -14.16
C ASN B 280 -5.58 -22.71 -12.81
N PRO B 281 -5.50 -24.06 -12.78
CA PRO B 281 -5.58 -24.77 -11.49
C PRO B 281 -4.49 -24.36 -10.51
N LEU B 282 -3.33 -23.94 -10.99
CA LEU B 282 -2.31 -23.44 -10.09
C LEU B 282 -2.72 -22.09 -9.50
N ALA B 283 -3.40 -21.26 -10.30
CA ALA B 283 -3.97 -20.01 -9.78
C ALA B 283 -4.98 -20.29 -8.66
N VAL B 284 -5.91 -21.23 -8.90
CA VAL B 284 -6.92 -21.56 -7.89
C VAL B 284 -6.26 -22.12 -6.63
N ASP B 285 -5.22 -22.95 -6.81
CA ASP B 285 -4.51 -23.51 -5.66
C ASP B 285 -3.85 -22.41 -4.82
N LEU B 286 -3.23 -21.43 -5.48
CA LEU B 286 -2.67 -20.30 -4.75
C LEU B 286 -3.76 -19.50 -4.04
N LEU B 287 -4.92 -19.31 -4.69
CA LEU B 287 -6.01 -18.57 -4.05
C LEU B 287 -6.48 -19.24 -2.78
N GLU B 288 -6.57 -20.58 -2.80
CA GLU B 288 -6.99 -21.33 -1.61
C GLU B 288 -5.99 -21.16 -0.47
N LYS B 289 -4.71 -20.96 -0.80
CA LYS B 289 -3.70 -20.75 0.22
C LYS B 289 -3.68 -19.31 0.75
N MET B 290 -4.18 -18.34 -0.02
CA MET B 290 -4.21 -16.97 0.45
C MET B 290 -5.47 -16.64 1.24
N LEU B 291 -6.60 -17.22 0.83
CA LEU B 291 -7.89 -16.92 1.47
C LEU B 291 -8.24 -17.96 2.53
N VAL B 292 -7.32 -18.24 3.41
CA VAL B 292 -7.57 -19.05 4.58
C VAL B 292 -8.04 -18.13 5.69
N LEU B 293 -9.08 -18.55 6.42
CA LEU B 293 -9.68 -17.67 7.43
C LEU B 293 -8.73 -17.44 8.60
N ASP B 294 -8.02 -18.48 9.04
CA ASP B 294 -7.02 -18.32 10.08
C ASP B 294 -5.77 -17.69 9.48
N SER B 295 -5.44 -16.50 9.95
CA SER B 295 -4.32 -15.75 9.38
C SER B 295 -2.99 -16.47 9.58
N ASP B 296 -2.86 -17.24 10.67
CA ASP B 296 -1.61 -17.98 10.91
C ASP B 296 -1.41 -19.13 9.93
N LYS B 297 -2.44 -19.54 9.21
CA LYS B 297 -2.33 -20.59 8.19
C LYS B 297 -2.26 -20.04 6.77
N ARG B 298 -2.39 -18.73 6.59
CA ARG B 298 -2.24 -18.16 5.26
C ARG B 298 -0.82 -18.32 4.77
N ILE B 299 -0.67 -18.45 3.45
CA ILE B 299 0.67 -18.44 2.86
C ILE B 299 1.31 -17.06 3.06
N THR B 300 2.62 -17.04 3.27
CA THR B 300 3.33 -15.76 3.36
C THR B 300 3.74 -15.30 1.96
N ALA B 301 4.11 -14.01 1.85
CA ALA B 301 4.58 -13.48 0.56
C ALA B 301 5.81 -14.25 0.06
N ALA B 302 6.77 -14.54 0.94
CA ALA B 302 7.95 -15.29 0.53
C ALA B 302 7.58 -16.70 0.03
N GLN B 303 6.73 -17.42 0.78
CA GLN B 303 6.29 -18.74 0.36
C GLN B 303 5.50 -18.69 -0.95
N ALA B 304 4.61 -17.70 -1.11
CA ALA B 304 3.83 -17.55 -2.33
C ALA B 304 4.70 -17.35 -3.58
N LEU B 305 5.84 -16.65 -3.46
CA LEU B 305 6.71 -16.45 -4.62
C LEU B 305 7.28 -17.77 -5.14
N ALA B 306 7.42 -18.77 -4.26
CA ALA B 306 7.88 -20.11 -4.63
C ALA B 306 6.77 -21.02 -5.16
N HIS B 307 5.53 -20.56 -5.18
CA HIS B 307 4.42 -21.37 -5.70
C HIS B 307 4.58 -21.54 -7.21
N ALA B 308 4.25 -22.74 -7.71
CA ALA B 308 4.46 -23.09 -9.12
C ALA B 308 3.71 -22.17 -10.07
N TYR B 309 2.66 -21.49 -9.62
CA TYR B 309 1.97 -20.50 -10.46
C TYR B 309 2.93 -19.45 -11.04
N PHE B 310 4.01 -19.12 -10.31
CA PHE B 310 4.95 -18.10 -10.74
C PHE B 310 6.25 -18.67 -11.30
N ALA B 311 6.26 -19.93 -11.72
CA ALA B 311 7.51 -20.56 -12.13
C ALA B 311 8.21 -19.82 -13.26
N GLN B 312 7.48 -19.13 -14.11
CA GLN B 312 8.20 -18.42 -15.17
C GLN B 312 8.79 -17.08 -14.71
N TYR B 313 8.40 -16.57 -13.55
CA TYR B 313 8.90 -15.29 -13.06
C TYR B 313 9.79 -15.40 -11.83
N HIS B 314 9.65 -16.47 -11.05
CA HIS B 314 10.31 -16.56 -9.75
C HIS B 314 11.82 -16.65 -9.91
N ASP B 315 12.54 -15.80 -9.18
CA ASP B 315 14.00 -15.79 -9.17
C ASP B 315 14.40 -15.47 -7.74
N PRO B 316 14.82 -16.47 -6.97
CA PRO B 316 15.11 -16.22 -5.56
C PRO B 316 16.33 -15.32 -5.33
N ASP B 317 17.20 -15.16 -6.33
CA ASP B 317 18.28 -14.20 -6.23
C ASP B 317 17.87 -12.78 -6.61
N ASP B 318 16.62 -12.58 -7.04
CA ASP B 318 16.16 -11.25 -7.43
C ASP B 318 14.86 -10.90 -6.68
N GLU B 319 14.73 -11.38 -5.45
CA GLU B 319 13.58 -11.06 -4.59
C GLU B 319 14.10 -10.56 -3.25
N PRO B 320 14.62 -9.33 -3.22
CA PRO B 320 15.36 -8.85 -2.05
C PRO B 320 14.47 -8.51 -0.87
N VAL B 321 15.09 -8.57 0.31
CA VAL B 321 14.46 -8.17 1.55
C VAL B 321 14.95 -6.77 1.92
N ALA B 322 14.29 -6.16 2.89
CA ALA B 322 14.57 -4.81 3.32
C ALA B 322 15.57 -4.80 4.47
N ASP B 323 16.22 -3.66 4.65
CA ASP B 323 16.91 -3.39 5.90
C ASP B 323 15.90 -3.36 7.04
N PRO B 324 16.33 -3.69 8.26
CA PRO B 324 15.41 -3.60 9.40
C PRO B 324 14.97 -2.16 9.60
N TYR B 325 13.71 -1.99 9.99
CA TYR B 325 13.08 -0.68 10.09
C TYR B 325 12.77 -0.42 11.55
N ASP B 326 13.39 0.62 12.10
CA ASP B 326 13.26 0.94 13.52
C ASP B 326 11.95 1.65 13.75
N GLN B 327 11.02 0.99 14.42
CA GLN B 327 9.73 1.59 14.71
C GLN B 327 9.58 1.96 16.18
N SER B 328 10.68 2.02 16.91
CA SER B 328 10.61 2.37 18.33
C SER B 328 10.07 3.77 18.58
N PHE B 329 10.12 4.67 17.58
CA PHE B 329 9.51 6.00 17.74
C PHE B 329 8.02 5.90 18.06
N GLU B 330 7.35 4.82 17.64
CA GLU B 330 5.90 4.70 17.81
C GLU B 330 5.48 4.73 19.28
N SER B 331 6.35 4.32 20.19
CA SER B 331 6.05 4.35 21.61
C SER B 331 6.57 5.61 22.30
N ARG B 332 6.99 6.62 21.54
CA ARG B 332 7.45 7.85 22.16
C ARG B 332 6.28 8.81 22.33
N ASP B 333 6.29 9.56 23.42
CA ASP B 333 5.27 10.57 23.65
C ASP B 333 5.97 11.91 23.76
N LEU B 334 5.84 12.73 22.71
CA LEU B 334 6.64 13.95 22.57
C LEU B 334 5.76 15.16 22.30
N LEU B 335 6.33 16.33 22.53
CA LEU B 335 5.67 17.59 22.20
C LEU B 335 5.54 17.74 20.68
N ILE B 336 4.60 18.60 20.26
CA ILE B 336 4.42 18.93 18.84
C ILE B 336 5.75 19.37 18.22
N ASP B 337 6.44 20.31 18.88
CA ASP B 337 7.68 20.83 18.31
C ASP B 337 8.79 19.80 18.30
N GLU B 338 8.72 18.78 19.16
CA GLU B 338 9.69 17.70 19.13
C GLU B 338 9.47 16.79 17.92
N TRP B 339 8.21 16.42 17.63
CA TRP B 339 7.92 15.68 16.40
C TRP B 339 8.28 16.51 15.17
N LYS B 340 8.02 17.82 15.24
CA LYS B 340 8.38 18.74 14.16
C LYS B 340 9.88 18.78 13.95
N SER B 341 10.63 18.87 15.04
CA SER B 341 12.09 18.89 14.95
C SER B 341 12.64 17.56 14.41
N LEU B 342 12.06 16.44 14.84
CA LEU B 342 12.44 15.14 14.30
C LEU B 342 12.15 15.06 12.81
N THR B 343 11.00 15.59 12.38
CA THR B 343 10.66 15.59 10.95
C THR B 343 11.65 16.43 10.15
N TYR B 344 11.95 17.64 10.65
CA TYR B 344 12.92 18.52 9.99
C TYR B 344 14.28 17.83 9.85
N ASP B 345 14.72 17.11 10.89
CA ASP B 345 15.96 16.33 10.82
C ASP B 345 15.93 15.32 9.70
N GLU B 346 14.77 14.69 9.48
CA GLU B 346 14.64 13.69 8.44
C GLU B 346 14.59 14.34 7.06
N VAL B 347 14.02 15.54 6.94
CA VAL B 347 14.09 16.27 5.69
C VAL B 347 15.54 16.59 5.36
N ILE B 348 16.29 17.07 6.36
CA ILE B 348 17.69 17.47 6.18
C ILE B 348 18.56 16.26 5.84
N SER B 349 18.31 15.12 6.45
CA SER B 349 19.21 13.99 6.25
C SER B 349 18.91 13.21 4.98
N PHE B 350 17.95 13.65 4.17
CA PHE B 350 17.47 12.87 3.05
C PHE B 350 18.51 12.82 1.93
N VAL B 351 18.80 11.62 1.44
CA VAL B 351 19.72 11.41 0.34
C VAL B 351 18.91 10.97 -0.87
N PRO B 352 18.96 11.70 -1.98
CA PRO B 352 18.16 11.33 -3.14
C PRO B 352 18.62 10.00 -3.72
N PRO B 353 17.75 9.31 -4.45
CA PRO B 353 18.17 8.10 -5.16
C PRO B 353 19.07 8.45 -6.32
N PRO B 354 19.90 7.52 -6.79
CA PRO B 354 20.77 7.81 -7.94
C PRO B 354 19.96 7.96 -9.23
N LEU B 355 20.66 8.49 -10.25
CA LEU B 355 20.10 8.85 -11.56
C LEU B 355 18.92 9.81 -11.43
#